data_5UQP
#
_entry.id   5UQP
#
_cell.length_a   139.448
_cell.length_b   139.448
_cell.length_c   80.075
_cell.angle_alpha   90.00
_cell.angle_beta   90.00
_cell.angle_gamma   120.00
#
_symmetry.space_group_name_H-M   'P 61 2 2'
#
loop_
_entity.id
_entity.type
_entity.pdbx_description
1 polymer Cupin
2 non-polymer 'ZINC ION'
3 non-polymer 'CHLORIDE ION'
4 non-polymer 'SULFATE ION'
5 water water
#
_entity_poly.entity_id   1
_entity_poly.type   'polypeptide(L)'
_entity_poly.pdbx_seq_one_letter_code
;SNAMTTDSVTQGVAHSVNGRLPELDFENRPSGAKLGIFDLPKLEVSVAPFTLAHIRVPGGVTTAEDHHEVREIWLVQSGS
GILTLDGVRSRVRAGDTLYYESYRRHQLHNDGDSPVEIVSIWWRP
;
_entity_poly.pdbx_strand_id   A,B
#
loop_
_chem_comp.id
_chem_comp.type
_chem_comp.name
_chem_comp.formula
CL non-polymer 'CHLORIDE ION' 'Cl -1'
SO4 non-polymer 'SULFATE ION' 'O4 S -2'
ZN non-polymer 'ZINC ION' 'Zn 2'
#
# COMPACT_ATOMS: atom_id res chain seq x y z
N SER A 16 5.33 -18.15 16.14
CA SER A 16 6.32 -18.24 15.06
C SER A 16 6.52 -19.69 14.63
N VAL A 17 6.79 -20.58 15.60
CA VAL A 17 7.00 -21.98 15.27
C VAL A 17 5.74 -22.58 14.65
N ASN A 18 4.57 -22.22 15.19
CA ASN A 18 3.30 -22.59 14.57
C ASN A 18 2.48 -21.38 14.20
N GLY A 19 3.08 -20.18 14.16
CA GLY A 19 2.43 -19.06 13.51
C GLY A 19 1.21 -18.49 14.18
N ARG A 20 0.95 -18.81 15.41
CA ARG A 20 -0.17 -18.26 16.08
C ARG A 20 -0.06 -16.84 16.49
N LEU A 21 -1.09 -16.09 16.33
CA LEU A 21 -1.06 -14.76 16.88
C LEU A 21 -1.32 -14.83 18.37
N PRO A 22 -0.84 -13.85 19.12
CA PRO A 22 -1.19 -13.78 20.54
C PRO A 22 -2.70 -13.65 20.72
N GLU A 23 -3.17 -14.06 21.90
CA GLU A 23 -4.60 -14.00 22.23
C GLU A 23 -5.04 -12.54 22.34
N LEU A 24 -6.30 -12.30 22.00
CA LEU A 24 -6.84 -10.94 21.95
C LEU A 24 -6.98 -10.32 23.33
N ASP A 25 -6.58 -9.04 23.44
CA ASP A 25 -6.86 -8.24 24.64
C ASP A 25 -8.06 -7.35 24.35
N PHE A 26 -9.23 -7.72 24.88
CA PHE A 26 -10.46 -7.00 24.58
C PHE A 26 -10.57 -5.71 25.37
N GLU A 27 -10.98 -4.64 24.70
CA GLU A 27 -11.27 -3.38 25.35
C GLU A 27 -12.77 -3.28 25.58
N ASN A 28 -13.15 -2.91 26.79
CA ASN A 28 -14.54 -2.63 27.12
C ASN A 28 -14.91 -1.22 26.67
N ARG A 29 -15.82 -1.10 25.69
CA ARG A 29 -16.14 0.23 25.18
C ARG A 29 -17.29 0.85 25.97
N PRO A 30 -17.40 2.18 25.96
CA PRO A 30 -18.51 2.82 26.70
C PRO A 30 -19.92 2.31 26.32
N SER A 31 -20.13 1.91 25.07
CA SER A 31 -21.43 1.39 24.65
C SER A 31 -21.81 0.06 25.28
N GLY A 32 -20.85 -0.66 25.88
CA GLY A 32 -21.05 -2.05 26.28
C GLY A 32 -20.45 -3.06 25.32
N ALA A 33 -20.15 -2.66 24.10
CA ALA A 33 -19.49 -3.55 23.15
C ALA A 33 -18.06 -3.81 23.60
N LYS A 34 -17.47 -4.87 23.03
CA LYS A 34 -16.09 -5.22 23.28
C LYS A 34 -15.36 -5.22 21.96
N LEU A 35 -14.10 -4.78 21.96
CA LEU A 35 -13.30 -4.65 20.74
C LEU A 35 -11.92 -5.25 21.00
N GLY A 36 -11.54 -6.23 20.22
CA GLY A 36 -10.20 -6.77 20.36
C GLY A 36 -9.48 -6.62 19.05
N ILE A 37 -8.28 -6.06 19.05
CA ILE A 37 -7.52 -5.85 17.82
C ILE A 37 -6.38 -6.85 17.76
N PHE A 38 -6.28 -7.53 16.63
CA PHE A 38 -5.22 -8.52 16.46
C PHE A 38 -3.88 -7.84 16.35
N ASP A 39 -2.89 -8.41 17.04
CA ASP A 39 -1.58 -7.82 17.15
C ASP A 39 -0.67 -8.48 16.12
N LEU A 40 -0.50 -7.85 14.96
CA LEU A 40 0.23 -8.56 13.93
C LEU A 40 1.71 -8.18 13.98
N PRO A 41 2.59 -9.00 13.41
CA PRO A 41 4.01 -8.61 13.32
C PRO A 41 4.19 -7.26 12.63
N LYS A 42 5.19 -6.50 13.11
CA LYS A 42 5.62 -5.24 12.56
C LYS A 42 6.86 -5.44 11.71
N LEU A 43 7.17 -4.46 10.87
CA LEU A 43 8.38 -4.51 10.06
C LEU A 43 8.74 -3.08 9.63
N GLU A 44 9.99 -2.90 9.27
CA GLU A 44 10.47 -1.57 8.88
C GLU A 44 10.22 -1.38 7.39
N VAL A 45 9.53 -0.31 7.02
CA VAL A 45 9.37 -0.01 5.60
C VAL A 45 9.72 1.44 5.30
N SER A 46 9.90 1.72 4.03
CA SER A 46 10.00 3.08 3.57
C SER A 46 8.66 3.81 3.76
N VAL A 47 8.74 5.12 3.98
CA VAL A 47 7.54 5.94 3.98
C VAL A 47 6.87 6.00 2.62
N ALA A 48 7.54 5.54 1.58
CA ALA A 48 6.95 5.59 0.25
C ALA A 48 6.60 4.18 -0.25
N PRO A 49 5.47 3.99 -0.87
CA PRO A 49 5.16 2.67 -1.46
C PRO A 49 5.82 2.49 -2.83
N PHE A 50 6.90 3.21 -3.10
CA PHE A 50 7.63 2.97 -4.32
C PHE A 50 9.11 3.18 -4.03
N THR A 51 9.94 2.88 -5.02
CA THR A 51 11.36 3.16 -4.96
C THR A 51 11.67 4.26 -5.96
N LEU A 52 12.39 5.27 -5.51
CA LEU A 52 12.74 6.46 -6.27
C LEU A 52 14.25 6.40 -6.54
N ALA A 53 14.63 6.47 -7.80
CA ALA A 53 16.03 6.34 -8.13
C ALA A 53 16.43 7.32 -9.24
N HIS A 54 17.74 7.46 -9.44
CA HIS A 54 18.27 8.21 -10.56
C HIS A 54 19.18 7.30 -11.37
N ILE A 55 18.99 7.28 -12.69
CA ILE A 55 19.79 6.47 -13.58
C ILE A 55 20.59 7.39 -14.48
N ARG A 56 21.92 7.23 -14.50
CA ARG A 56 22.79 8.01 -15.38
C ARG A 56 23.38 7.08 -16.43
N VAL A 57 23.10 7.34 -17.70
CA VAL A 57 23.58 6.50 -18.81
C VAL A 57 24.61 7.31 -19.57
N PRO A 58 25.90 7.01 -19.46
CA PRO A 58 26.93 7.74 -20.19
C PRO A 58 26.80 7.55 -21.69
N GLY A 59 27.52 8.38 -22.44
CA GLY A 59 27.50 8.29 -23.88
C GLY A 59 28.08 6.98 -24.35
N GLY A 60 27.40 6.33 -25.30
CA GLY A 60 27.83 5.03 -25.77
C GLY A 60 27.29 3.87 -24.99
N VAL A 61 26.85 4.09 -23.76
CA VAL A 61 26.32 2.99 -22.94
C VAL A 61 24.96 2.54 -23.45
N THR A 62 24.75 1.23 -23.45
CA THR A 62 23.43 0.66 -23.61
C THR A 62 23.05 -0.01 -22.30
N THR A 63 21.86 0.27 -21.77
CA THR A 63 21.58 -0.35 -20.49
C THR A 63 21.31 -1.83 -20.72
N ALA A 64 21.45 -2.62 -19.67
CA ALA A 64 21.04 -4.02 -19.70
C ALA A 64 19.54 -4.09 -19.99
N GLU A 65 19.14 -5.09 -20.77
CA GLU A 65 17.72 -5.26 -21.05
C GLU A 65 17.02 -5.59 -19.75
N ASP A 66 16.16 -4.70 -19.29
CA ASP A 66 15.51 -4.86 -18.00
C ASP A 66 14.17 -5.54 -18.22
N HIS A 67 13.76 -6.36 -17.25
CA HIS A 67 12.38 -6.83 -17.22
C HIS A 67 12.09 -7.31 -15.81
N HIS A 68 10.95 -6.89 -15.28
CA HIS A 68 10.66 -7.17 -13.90
C HIS A 68 9.17 -7.00 -13.70
N GLU A 69 8.68 -7.63 -12.66
CA GLU A 69 7.29 -7.45 -12.33
C GLU A 69 6.95 -6.03 -11.83
N VAL A 70 7.87 -5.29 -11.22
CA VAL A 70 7.49 -3.94 -10.77
C VAL A 70 7.18 -3.06 -11.97
N ARG A 71 6.18 -2.21 -11.82
CA ARG A 71 5.87 -1.15 -12.76
C ARG A 71 6.92 -0.06 -12.66
N GLU A 72 7.07 0.71 -13.73
CA GLU A 72 8.13 1.69 -13.66
C GLU A 72 7.82 2.94 -14.48
N ILE A 73 8.19 4.10 -13.96
CA ILE A 73 8.11 5.35 -14.68
C ILE A 73 9.54 5.89 -14.83
N TRP A 74 9.86 6.36 -16.04
CA TRP A 74 11.07 7.13 -16.31
C TRP A 74 10.68 8.58 -16.64
N LEU A 75 11.26 9.53 -15.92
CA LEU A 75 11.21 10.94 -16.25
C LEU A 75 12.58 11.32 -16.85
N VAL A 76 12.65 11.43 -18.15
CA VAL A 76 13.94 11.72 -18.74
C VAL A 76 14.23 13.19 -18.53
N GLN A 77 15.34 13.51 -17.84
CA GLN A 77 15.69 14.89 -17.52
C GLN A 77 16.67 15.50 -18.50
N SER A 78 17.48 14.68 -19.16
CA SER A 78 18.57 15.32 -19.88
C SER A 78 19.08 14.33 -20.93
N GLY A 79 19.54 14.84 -22.05
CA GLY A 79 20.10 13.95 -23.06
C GLY A 79 19.03 13.27 -23.91
N SER A 80 19.49 12.30 -24.70
CA SER A 80 18.64 11.63 -25.68
C SER A 80 19.23 10.26 -26.01
N GLY A 81 18.35 9.32 -26.37
CA GLY A 81 18.75 7.94 -26.56
C GLY A 81 17.70 7.17 -27.32
N ILE A 82 18.06 5.94 -27.69
CA ILE A 82 17.20 5.03 -28.41
C ILE A 82 16.67 4.08 -27.36
N LEU A 83 15.37 4.17 -27.11
CA LEU A 83 14.68 3.20 -26.25
C LEU A 83 14.27 2.01 -27.09
N THR A 84 14.56 0.82 -26.62
CA THR A 84 13.98 -0.37 -27.20
C THR A 84 13.00 -0.93 -26.18
N LEU A 85 11.72 -0.94 -26.55
CA LEU A 85 10.63 -1.35 -25.67
C LEU A 85 9.94 -2.54 -26.35
N ASP A 86 10.06 -3.73 -25.75
CA ASP A 86 9.55 -4.96 -26.39
C ASP A 86 9.90 -5.03 -27.86
N GLY A 87 11.18 -4.81 -28.21
CA GLY A 87 11.57 -4.97 -29.60
C GLY A 87 11.30 -3.78 -30.53
N VAL A 88 10.65 -2.73 -30.06
CA VAL A 88 10.33 -1.56 -30.88
C VAL A 88 11.26 -0.42 -30.45
N ARG A 89 11.94 0.17 -31.44
CA ARG A 89 12.88 1.24 -31.18
C ARG A 89 12.22 2.59 -31.35
N SER A 90 12.50 3.49 -30.43
CA SER A 90 12.04 4.85 -30.60
C SER A 90 13.02 5.79 -29.91
N ARG A 91 13.02 7.04 -30.32
CA ARG A 91 13.88 8.03 -29.68
C ARG A 91 13.18 8.74 -28.52
N VAL A 92 13.86 8.86 -27.39
CA VAL A 92 13.41 9.69 -26.27
C VAL A 92 14.41 10.83 -26.02
N ARG A 93 13.90 11.87 -25.34
CA ARG A 93 14.74 13.02 -24.99
C ARG A 93 14.33 13.53 -23.65
N ALA A 94 15.17 14.39 -23.09
CA ALA A 94 14.79 15.23 -21.95
C ALA A 94 13.38 15.79 -22.15
N GLY A 95 12.53 15.69 -21.10
CA GLY A 95 11.16 16.14 -21.14
C GLY A 95 10.17 15.03 -21.42
N ASP A 96 10.57 13.90 -22.01
CA ASP A 96 9.68 12.73 -22.17
C ASP A 96 9.51 11.99 -20.85
N THR A 97 8.31 11.46 -20.65
CA THR A 97 7.99 10.64 -19.48
C THR A 97 7.35 9.36 -19.97
N LEU A 98 7.84 8.25 -19.44
CA LEU A 98 7.49 6.93 -19.90
C LEU A 98 6.96 6.06 -18.77
N TYR A 99 5.99 5.20 -19.11
CA TYR A 99 5.43 4.23 -18.18
C TYR A 99 5.66 2.82 -18.74
N TYR A 100 6.27 1.93 -17.94
CA TYR A 100 6.48 0.52 -18.30
C TYR A 100 5.63 -0.36 -17.40
N GLU A 101 4.56 -0.92 -17.97
CA GLU A 101 3.77 -1.97 -17.33
C GLU A 101 4.69 -3.11 -16.94
N SER A 102 4.27 -3.88 -15.92
CA SER A 102 4.94 -5.12 -15.51
C SER A 102 5.42 -5.94 -16.69
N TYR A 103 6.69 -6.31 -16.63
CA TYR A 103 7.33 -7.27 -17.51
C TYR A 103 7.57 -6.73 -18.94
N ARG A 104 7.30 -5.47 -19.26
CA ARG A 104 7.74 -4.99 -20.57
C ARG A 104 9.26 -4.83 -20.59
N ARG A 105 9.86 -5.30 -21.65
CA ARG A 105 11.31 -5.28 -21.81
C ARG A 105 11.74 -3.91 -22.29
N HIS A 106 12.61 -3.26 -21.53
CA HIS A 106 13.06 -1.92 -21.84
C HIS A 106 14.58 -1.90 -21.80
N GLN A 107 15.15 -1.02 -22.62
CA GLN A 107 16.59 -0.88 -22.74
C GLN A 107 16.86 0.45 -23.42
N LEU A 108 17.88 1.15 -22.96
CA LEU A 108 18.18 2.47 -23.50
C LEU A 108 19.62 2.52 -24.00
N HIS A 109 19.80 2.95 -25.25
CA HIS A 109 21.13 3.19 -25.78
C HIS A 109 21.34 4.70 -25.92
N ASN A 110 22.35 5.23 -25.24
CA ASN A 110 22.73 6.63 -25.34
C ASN A 110 23.76 6.81 -26.47
N ASP A 111 23.31 7.32 -27.59
CA ASP A 111 24.21 7.57 -28.69
C ASP A 111 24.66 9.03 -28.76
N GLY A 112 24.54 9.79 -27.66
CA GLY A 112 25.04 11.15 -27.60
C GLY A 112 26.32 11.27 -26.78
N ASP A 113 26.97 12.44 -26.90
CA ASP A 113 28.11 12.78 -26.08
C ASP A 113 27.74 13.03 -24.62
N SER A 114 26.63 13.46 -24.36
CA SER A 114 26.40 13.83 -22.98
C SER A 114 25.52 12.77 -22.29
N PRO A 115 25.56 12.64 -20.98
CA PRO A 115 24.82 11.54 -20.35
C PRO A 115 23.33 11.73 -20.41
N VAL A 116 22.61 10.62 -20.51
CA VAL A 116 21.17 10.61 -20.27
C VAL A 116 20.93 10.51 -18.78
N GLU A 117 20.14 11.44 -18.24
CA GLU A 117 19.79 11.48 -16.82
C GLU A 117 18.30 11.17 -16.66
N ILE A 118 18.01 10.19 -15.82
CA ILE A 118 16.65 9.69 -15.71
C ILE A 118 16.26 9.61 -14.26
N VAL A 119 15.09 10.15 -13.92
CA VAL A 119 14.49 9.83 -12.63
C VAL A 119 13.59 8.65 -12.81
N SER A 120 13.84 7.62 -12.03
CA SER A 120 13.10 6.37 -12.16
C SER A 120 12.27 6.15 -10.90
N ILE A 121 11.06 5.64 -11.08
CA ILE A 121 10.19 5.30 -9.97
C ILE A 121 9.68 3.89 -10.25
N TRP A 122 9.84 2.98 -9.29
CA TRP A 122 9.26 1.66 -9.49
C TRP A 122 8.51 1.19 -8.26
N TRP A 123 7.52 0.32 -8.50
CA TRP A 123 6.63 -0.10 -7.43
C TRP A 123 5.96 -1.42 -7.83
N ARG A 124 5.61 -2.19 -6.81
CA ARG A 124 4.98 -3.48 -7.00
C ARG A 124 3.51 -3.26 -7.38
N PRO A 125 3.01 -3.89 -8.46
CA PRO A 125 1.60 -3.72 -8.79
C PRO A 125 0.72 -4.28 -7.67
N ALA B 14 21.75 18.19 4.54
CA ALA B 14 20.46 17.51 4.54
C ALA B 14 19.92 17.25 5.98
N HIS B 15 18.67 17.62 6.27
CA HIS B 15 18.07 17.45 7.61
C HIS B 15 16.54 17.60 7.54
N SER B 16 15.90 17.44 8.70
CA SER B 16 14.46 17.59 8.82
C SER B 16 14.01 19.04 8.68
N VAL B 17 14.90 19.99 8.95
CA VAL B 17 14.60 21.41 8.90
C VAL B 17 14.48 21.93 7.45
N ASN B 18 15.16 21.31 6.49
CA ASN B 18 14.91 21.65 5.09
C ASN B 18 14.15 20.56 4.36
N GLY B 19 13.90 19.42 5.00
CA GLY B 19 13.35 18.28 4.32
C GLY B 19 14.20 17.70 3.20
N ARG B 20 15.44 18.11 3.09
CA ARG B 20 16.23 17.72 1.93
C ARG B 20 16.78 16.29 2.14
N LEU B 21 16.68 15.49 1.14
CA LEU B 21 17.25 14.16 1.12
C LEU B 21 18.75 14.21 0.86
N PRO B 22 19.49 13.24 1.40
CA PRO B 22 20.93 13.18 1.18
C PRO B 22 21.29 13.01 -0.27
N GLU B 23 22.48 13.46 -0.60
CA GLU B 23 23.10 13.26 -1.91
C GLU B 23 23.10 11.78 -2.27
N LEU B 24 22.91 11.48 -3.54
CA LEU B 24 22.83 10.09 -3.96
C LEU B 24 24.20 9.44 -3.94
N ASP B 25 24.28 8.17 -3.54
CA ASP B 25 25.48 7.39 -3.76
C ASP B 25 25.26 6.53 -5.00
N PHE B 26 26.01 6.78 -6.04
CA PHE B 26 25.84 6.05 -7.28
C PHE B 26 26.61 4.74 -7.30
N GLU B 27 25.98 3.70 -7.80
CA GLU B 27 26.62 2.42 -8.06
C GLU B 27 26.86 2.24 -9.55
N ASN B 28 28.02 1.69 -9.92
CA ASN B 28 28.30 1.33 -11.31
C ASN B 28 27.67 0.01 -11.67
N ARG B 29 26.94 -0.04 -12.73
CA ARG B 29 26.40 -1.28 -13.23
C ARG B 29 27.33 -1.84 -14.30
N PRO B 30 27.30 -3.15 -14.55
CA PRO B 30 28.24 -3.72 -15.53
C PRO B 30 28.12 -3.06 -16.91
N SER B 31 26.94 -2.52 -17.23
CA SER B 31 26.75 -1.90 -18.54
C SER B 31 27.55 -0.61 -18.70
N GLY B 32 28.01 0.02 -17.62
CA GLY B 32 28.51 1.38 -17.67
C GLY B 32 27.55 2.40 -17.10
N ALA B 33 26.25 2.08 -17.01
CA ALA B 33 25.29 2.97 -16.35
C ALA B 33 25.55 3.02 -14.84
N LYS B 34 25.00 4.06 -14.23
CA LYS B 34 25.09 4.34 -12.82
C LYS B 34 23.68 4.46 -12.23
N LEU B 35 23.51 3.90 -11.05
CA LEU B 35 22.22 3.82 -10.39
C LEU B 35 22.37 4.35 -8.97
N GLY B 36 21.59 5.39 -8.62
CA GLY B 36 21.55 5.84 -7.25
C GLY B 36 20.13 5.78 -6.72
N ILE B 37 19.94 5.25 -5.51
CA ILE B 37 18.62 5.09 -4.94
C ILE B 37 18.44 6.12 -3.84
N PHE B 38 17.35 6.87 -3.92
CA PHE B 38 17.10 7.88 -2.91
C PHE B 38 16.79 7.17 -1.60
N ASP B 39 17.35 7.73 -0.55
CA ASP B 39 17.31 7.15 0.77
C ASP B 39 16.12 7.78 1.50
N LEU B 40 14.99 7.12 1.49
CA LEU B 40 13.90 7.85 2.09
C LEU B 40 13.80 7.46 3.55
N PRO B 41 13.12 8.23 4.37
CA PRO B 41 12.92 7.81 5.76
C PRO B 41 12.08 6.53 5.88
N LYS B 42 12.32 5.83 6.97
CA LYS B 42 11.74 4.53 7.29
C LYS B 42 10.80 4.68 8.45
N LEU B 43 10.03 3.62 8.72
CA LEU B 43 8.86 3.66 9.55
C LEU B 43 8.49 2.23 9.91
N GLU B 44 8.01 2.01 11.12
CA GLU B 44 7.55 0.71 11.55
C GLU B 44 6.06 0.65 11.29
N VAL B 45 5.62 -0.35 10.52
CA VAL B 45 4.22 -0.56 10.19
C VAL B 45 3.86 -2.04 10.34
N SER B 46 2.56 -2.29 10.30
CA SER B 46 2.07 -3.66 10.32
C SER B 46 2.45 -4.39 9.04
N VAL B 47 2.74 -5.67 9.17
CA VAL B 47 2.84 -6.56 8.04
C VAL B 47 1.57 -6.59 7.20
N ALA B 48 0.50 -5.96 7.67
CA ALA B 48 -0.74 -6.06 6.91
C ALA B 48 -1.26 -4.67 6.58
N PRO B 49 -1.76 -4.48 5.35
CA PRO B 49 -2.33 -3.18 4.96
C PRO B 49 -3.75 -2.95 5.47
N PHE B 50 -4.15 -3.63 6.53
CA PHE B 50 -5.48 -3.49 7.09
C PHE B 50 -5.33 -3.70 8.59
N THR B 51 -6.39 -3.42 9.33
CA THR B 51 -6.48 -3.72 10.75
C THR B 51 -7.50 -4.83 10.92
N LEU B 52 -7.14 -5.87 11.68
CA LEU B 52 -7.96 -7.05 11.88
C LEU B 52 -8.46 -7.04 13.32
N ALA B 53 -9.77 -7.17 13.50
CA ALA B 53 -10.35 -7.01 14.84
C ALA B 53 -11.52 -7.95 15.08
N HIS B 54 -11.79 -8.21 16.35
CA HIS B 54 -12.98 -8.92 16.77
C HIS B 54 -13.88 -8.00 17.57
N ILE B 55 -15.15 -7.95 17.21
CA ILE B 55 -16.13 -7.12 17.89
C ILE B 55 -17.16 -8.06 18.52
N ARG B 56 -17.47 -7.86 19.80
CA ARG B 56 -18.44 -8.64 20.53
C ARG B 56 -19.50 -7.68 21.03
N VAL B 57 -20.75 -7.90 20.64
CA VAL B 57 -21.83 -7.04 21.08
C VAL B 57 -22.79 -7.84 21.96
N PRO B 58 -22.67 -7.73 23.28
CA PRO B 58 -23.56 -8.48 24.19
C PRO B 58 -25.02 -8.16 23.95
N GLY B 59 -25.90 -9.01 24.50
CA GLY B 59 -27.34 -8.84 24.36
C GLY B 59 -27.82 -7.51 24.91
N GLY B 60 -28.63 -6.81 24.11
CA GLY B 60 -29.16 -5.51 24.48
C GLY B 60 -28.25 -4.31 24.17
N VAL B 61 -27.01 -4.52 23.75
CA VAL B 61 -26.08 -3.42 23.56
C VAL B 61 -26.32 -2.81 22.19
N THR B 62 -26.22 -1.49 22.12
CA THR B 62 -26.16 -0.81 20.83
C THR B 62 -24.79 -0.18 20.69
N THR B 63 -24.07 -0.57 19.65
CA THR B 63 -22.79 0.05 19.35
C THR B 63 -22.95 1.55 19.15
N ALA B 64 -21.83 2.25 19.19
CA ALA B 64 -21.81 3.66 18.84
C ALA B 64 -21.99 3.81 17.34
N GLU B 65 -22.68 4.86 16.91
CA GLU B 65 -22.84 5.07 15.47
C GLU B 65 -21.48 5.44 14.89
N ASP B 66 -21.01 4.64 13.94
CA ASP B 66 -19.72 4.85 13.35
C ASP B 66 -19.86 5.65 12.08
N HIS B 67 -18.93 6.59 11.89
CA HIS B 67 -18.87 7.39 10.68
C HIS B 67 -17.40 7.73 10.47
N HIS B 68 -16.70 6.93 9.65
CA HIS B 68 -15.26 7.09 9.49
C HIS B 68 -14.84 6.88 8.05
N GLU B 69 -13.62 7.32 7.76
CA GLU B 69 -13.09 7.25 6.40
C GLU B 69 -12.65 5.85 5.98
N VAL B 70 -12.26 4.98 6.90
CA VAL B 70 -11.80 3.65 6.50
C VAL B 70 -12.97 2.84 5.98
N ARG B 71 -12.73 2.07 4.92
CA ARG B 71 -13.62 0.99 4.53
C ARG B 71 -13.61 -0.11 5.58
N GLU B 72 -14.67 -0.90 5.59
CA GLU B 72 -14.89 -1.88 6.65
C GLU B 72 -15.63 -3.09 6.12
N ILE B 73 -15.17 -4.28 6.52
CA ILE B 73 -15.84 -5.53 6.29
C ILE B 73 -16.20 -6.15 7.64
N TRP B 74 -17.44 -6.61 7.76
CA TRP B 74 -17.92 -7.34 8.92
C TRP B 74 -18.26 -8.75 8.49
N LEU B 75 -17.57 -9.74 9.04
CA LEU B 75 -17.99 -11.14 8.91
C LEU B 75 -18.73 -11.49 10.19
N VAL B 76 -20.06 -11.45 10.14
CA VAL B 76 -20.85 -11.82 11.32
C VAL B 76 -20.73 -13.32 11.58
N GLN B 77 -20.27 -13.67 12.78
CA GLN B 77 -20.08 -15.09 13.11
C GLN B 77 -21.18 -15.75 13.95
N SER B 78 -21.63 -15.07 15.00
CA SER B 78 -22.64 -15.63 15.89
C SER B 78 -23.66 -14.56 16.16
N GLY B 79 -24.83 -14.99 16.56
CA GLY B 79 -25.86 -14.07 17.00
C GLY B 79 -26.48 -13.37 15.82
N SER B 80 -27.28 -12.36 16.15
CA SER B 80 -28.13 -11.66 15.22
C SER B 80 -28.43 -10.32 15.83
N GLY B 81 -28.61 -9.33 14.98
CA GLY B 81 -29.09 -8.06 15.48
C GLY B 81 -29.61 -7.22 14.35
N ILE B 82 -29.84 -5.95 14.65
CA ILE B 82 -30.40 -5.01 13.71
C ILE B 82 -29.36 -3.96 13.37
N LEU B 83 -28.78 -4.11 12.18
CA LEU B 83 -27.90 -3.13 11.59
C LEU B 83 -28.71 -1.92 11.19
N THR B 84 -28.22 -0.74 11.52
CA THR B 84 -28.72 0.49 10.92
C THR B 84 -27.60 1.05 10.07
N LEU B 85 -27.86 1.14 8.78
CA LEU B 85 -26.89 1.55 7.78
C LEU B 85 -27.48 2.75 7.04
N ASP B 86 -26.85 3.91 7.24
CA ASP B 86 -27.36 5.18 6.70
C ASP B 86 -28.86 5.30 6.91
N GLY B 87 -29.29 5.13 8.16
CA GLY B 87 -30.70 5.29 8.44
C GLY B 87 -31.61 4.17 7.96
N VAL B 88 -31.09 3.09 7.39
CA VAL B 88 -31.94 1.99 6.96
C VAL B 88 -31.70 0.80 7.88
N ARG B 89 -32.81 0.28 8.41
CA ARG B 89 -32.80 -0.78 9.38
C ARG B 89 -32.96 -2.13 8.67
N SER B 90 -32.20 -3.13 9.10
CA SER B 90 -32.10 -4.42 8.42
C SER B 90 -31.55 -5.42 9.45
N ARG B 91 -31.80 -6.68 9.25
CA ARG B 91 -31.33 -7.61 10.18
C ARG B 91 -30.15 -8.30 9.65
N VAL B 92 -29.18 -8.51 10.51
CA VAL B 92 -27.96 -9.22 10.13
C VAL B 92 -27.80 -10.40 11.10
N ARG B 93 -27.30 -11.52 10.60
CA ARG B 93 -27.21 -12.75 11.39
C ARG B 93 -25.92 -13.44 11.03
N ALA B 94 -25.56 -14.44 11.84
CA ALA B 94 -24.37 -15.27 11.60
C ALA B 94 -24.33 -15.74 10.15
N GLY B 95 -23.12 -15.71 9.55
CA GLY B 95 -22.92 -16.06 8.16
C GLY B 95 -23.08 -14.90 7.19
N ASP B 96 -23.67 -13.80 7.62
CA ASP B 96 -23.69 -12.62 6.76
C ASP B 96 -22.31 -11.95 6.72
N THR B 97 -21.96 -11.41 5.55
CA THR B 97 -20.76 -10.61 5.38
C THR B 97 -21.14 -9.28 4.77
N LEU B 98 -20.77 -8.19 5.43
CA LEU B 98 -21.16 -6.85 5.02
C LEU B 98 -19.93 -6.04 4.61
N TYR B 99 -20.16 -5.10 3.68
CA TYR B 99 -19.10 -4.19 3.24
C TYR B 99 -19.60 -2.77 3.39
N TYR B 100 -18.86 -1.94 4.14
CA TYR B 100 -19.26 -0.56 4.41
C TYR B 100 -18.28 0.33 3.68
N GLU B 101 -18.76 0.94 2.61
CA GLU B 101 -17.95 1.93 1.93
C GLU B 101 -17.64 3.07 2.89
N SER B 102 -16.59 3.79 2.56
CA SER B 102 -16.07 4.86 3.37
C SER B 102 -17.16 5.90 3.69
N TYR B 103 -17.24 6.31 4.95
CA TYR B 103 -18.16 7.38 5.43
C TYR B 103 -19.63 6.95 5.46
N ARG B 104 -19.92 5.67 5.43
CA ARG B 104 -21.28 5.17 5.57
C ARG B 104 -21.55 4.95 7.06
N ARG B 105 -22.66 5.52 7.56
CA ARG B 105 -23.03 5.44 8.98
C ARG B 105 -23.59 4.06 9.31
N HIS B 106 -23.01 3.40 10.30
CA HIS B 106 -23.42 2.06 10.68
C HIS B 106 -23.47 1.96 12.19
N GLN B 107 -24.38 1.12 12.66
CA GLN B 107 -24.69 1.00 14.06
C GLN B 107 -25.47 -0.29 14.24
N LEU B 108 -25.09 -1.09 15.23
CA LEU B 108 -25.65 -2.42 15.41
C LEU B 108 -26.31 -2.50 16.78
N HIS B 109 -27.53 -3.00 16.81
CA HIS B 109 -28.26 -3.18 18.05
C HIS B 109 -28.57 -4.66 18.19
N ASN B 110 -28.02 -5.29 19.23
CA ASN B 110 -28.26 -6.72 19.47
C ASN B 110 -29.52 -6.86 20.30
N ASP B 111 -30.60 -7.22 19.64
CA ASP B 111 -31.90 -7.38 20.30
C ASP B 111 -32.10 -8.80 20.80
N GLY B 112 -31.08 -9.65 20.68
CA GLY B 112 -31.13 -10.99 21.20
C GLY B 112 -30.63 -11.04 22.63
N ASP B 113 -30.47 -12.27 23.12
CA ASP B 113 -29.83 -12.57 24.39
C ASP B 113 -28.40 -13.04 24.23
N SER B 114 -28.03 -13.51 23.10
CA SER B 114 -26.69 -14.03 22.86
C SER B 114 -25.81 -12.93 22.33
N PRO B 115 -24.52 -13.02 22.54
CA PRO B 115 -23.64 -12.03 21.93
C PRO B 115 -23.62 -12.20 20.42
N VAL B 116 -23.57 -11.10 19.70
CA VAL B 116 -23.15 -11.16 18.31
C VAL B 116 -21.65 -10.97 18.23
N GLU B 117 -20.97 -11.91 17.59
CA GLU B 117 -19.53 -11.89 17.41
C GLU B 117 -19.24 -11.55 15.96
N ILE B 118 -18.32 -10.62 15.72
CA ILE B 118 -18.01 -10.12 14.39
C ILE B 118 -16.50 -10.11 14.21
N VAL B 119 -16.04 -10.61 13.08
CA VAL B 119 -14.67 -10.35 12.65
C VAL B 119 -14.70 -9.11 11.78
N SER B 120 -13.96 -8.09 12.16
CA SER B 120 -14.03 -6.81 11.48
C SER B 120 -12.67 -6.54 10.83
N ILE B 121 -12.70 -6.09 9.58
CA ILE B 121 -11.51 -5.68 8.84
C ILE B 121 -11.68 -4.25 8.36
N TRP B 122 -10.76 -3.37 8.69
CA TRP B 122 -10.79 -1.99 8.26
C TRP B 122 -9.50 -1.51 7.59
N TRP B 123 -9.61 -0.60 6.65
CA TRP B 123 -8.45 -0.17 5.90
C TRP B 123 -8.75 1.17 5.20
N ARG B 124 -7.71 1.94 4.97
CA ARG B 124 -7.85 3.26 4.32
C ARG B 124 -8.11 3.11 2.82
N PRO B 125 -9.14 3.78 2.27
CA PRO B 125 -9.35 3.72 0.81
C PRO B 125 -8.15 4.28 0.06
ZN ZN C . 13.51 -1.33 -15.22
CL CL D . 19.44 17.75 -22.78
CL CL E . 22.19 -1.12 -16.79
CL CL F . -19.31 0.84 20.41
S SO4 G . 20.07 22.06 -22.02
O1 SO4 G . 19.23 22.73 -21.03
O2 SO4 G . 21.16 22.94 -22.43
O3 SO4 G . 20.62 20.83 -21.45
O4 SO4 G . 19.26 21.72 -23.18
ZN ZN H . -16.88 1.07 11.85
#